data_5KZV
#
_entry.id   5KZV
#
_cell.length_a   73.248
_cell.length_b   28.349
_cell.length_c   61.929
_cell.angle_alpha   90.000
_cell.angle_beta   104.270
_cell.angle_gamma   90.000
#
_symmetry.space_group_name_H-M   'C 1 2 1'
#
loop_
_entity.id
_entity.type
_entity.pdbx_description
1 polymer Smoothened
2 non-polymer (3alpha,8alpha)-cholest-5-ene-3,20-diol
3 water water
#
_entity_poly.entity_id   1
_entity_poly.type   'polypeptide(L)'
_entity_poly.pdbx_seq_one_letter_code
;AMADIGSDKCKKTTTCEPLKYNICLGSVLPYALTSTVLAEDSSSQDEVHDKLSLWSGLRNAPRCWDAIRPLLCAVYMPKC
EGGKVELPSQGLCQTTRVPCAIVARERGWPDFLKCTTDYFPEGCPNE
;
_entity_poly.pdbx_strand_id   A
#
loop_
_chem_comp.id
_chem_comp.type
_chem_comp.name
_chem_comp.formula
HCD non-polymer (3alpha,8alpha)-cholest-5-ene-3,20-diol 'C27 H46 O2'
#
# COMPACT_ATOMS: atom_id res chain seq x y z
N LYS A 9 -5.35 -5.02 16.35
CA LYS A 9 -5.45 -3.77 15.60
C LYS A 9 -4.24 -3.54 14.71
N CYS A 10 -3.14 -4.21 15.03
CA CYS A 10 -1.87 -3.99 14.33
C CYS A 10 -1.66 -4.99 13.19
N LYS A 11 -2.36 -6.11 13.24
CA LYS A 11 -2.25 -7.11 12.18
C LYS A 11 -3.62 -7.55 11.73
N LYS A 12 -3.68 -8.15 10.55
CA LYS A 12 -4.91 -8.69 10.01
C LYS A 12 -4.73 -10.16 9.66
N THR A 13 -5.65 -11.00 10.12
CA THR A 13 -5.64 -12.40 9.73
C THR A 13 -6.10 -12.48 8.28
N THR A 14 -5.37 -13.26 7.49
CA THR A 14 -5.70 -13.44 6.09
C THR A 14 -4.94 -14.65 5.54
N THR A 15 -5.27 -15.07 4.33
CA THR A 15 -4.56 -16.18 3.71
C THR A 15 -3.40 -15.69 2.83
N CYS A 16 -2.20 -16.25 3.06
CA CYS A 16 -1.00 -15.82 2.32
C CYS A 16 -0.87 -16.56 1.01
N GLU A 17 -0.38 -15.87 -0.03
CA GLU A 17 -0.10 -16.52 -1.31
C GLU A 17 1.28 -16.09 -1.79
N PRO A 18 2.01 -17.01 -2.46
CA PRO A 18 3.31 -16.62 -3.03
C PRO A 18 3.20 -15.43 -3.97
N LEU A 19 4.16 -14.52 -3.90
CA LEU A 19 4.21 -13.35 -4.78
C LEU A 19 4.32 -13.76 -6.24
N LYS A 20 3.45 -13.21 -7.06
CA LYS A 20 3.50 -13.48 -8.49
C LYS A 20 4.36 -12.42 -9.19
N TYR A 21 4.29 -11.20 -8.68
CA TYR A 21 5.12 -10.08 -9.15
C TYR A 21 6.19 -9.83 -8.09
N ASN A 22 7.46 -9.87 -8.49
CA ASN A 22 8.55 -9.87 -7.52
C ASN A 22 9.08 -8.49 -7.12
N ILE A 23 8.58 -7.45 -7.78
CA ILE A 23 9.03 -6.09 -7.57
C ILE A 23 7.81 -5.20 -7.36
N CYS A 24 7.90 -4.22 -6.46
CA CYS A 24 6.82 -3.25 -6.30
C CYS A 24 7.28 -1.85 -6.69
N LEU A 25 6.83 -1.39 -7.85
CA LEU A 25 7.15 -0.06 -8.35
C LEU A 25 8.66 0.19 -8.31
N GLY A 26 9.44 -0.78 -8.75
CA GLY A 26 10.89 -0.64 -8.72
C GLY A 26 11.61 -1.10 -7.47
N SER A 27 10.87 -1.34 -6.39
CA SER A 27 11.47 -1.72 -5.12
C SER A 27 11.45 -3.23 -4.91
N VAL A 28 12.57 -3.82 -4.49
CA VAL A 28 12.59 -5.25 -4.27
C VAL A 28 11.82 -5.63 -3.02
N LEU A 29 11.27 -6.84 -3.03
CA LEU A 29 10.46 -7.34 -1.93
C LEU A 29 11.18 -8.50 -1.27
N PRO A 30 11.76 -8.27 -0.09
CA PRO A 30 12.58 -9.27 0.61
C PRO A 30 11.73 -10.25 1.40
N TYR A 31 10.71 -10.81 0.75
CA TYR A 31 9.86 -11.80 1.37
C TYR A 31 9.11 -12.59 0.29
N ALA A 32 8.59 -13.76 0.65
CA ALA A 32 8.05 -14.68 -0.34
C ALA A 32 6.54 -14.60 -0.55
N LEU A 33 5.79 -14.21 0.48
CA LEU A 33 4.32 -14.27 0.45
C LEU A 33 3.66 -12.93 0.67
N THR A 34 2.44 -12.79 0.15
CA THR A 34 1.68 -11.55 0.25
C THR A 34 0.17 -11.80 0.39
N SER A 35 -0.62 -10.73 0.48
CA SER A 35 -2.06 -10.81 0.48
C SER A 35 -2.64 -9.54 -0.12
N THR A 36 -3.81 -9.65 -0.74
CA THR A 36 -4.44 -8.48 -1.34
C THR A 36 -5.49 -7.85 -0.43
N VAL A 37 -5.53 -8.28 0.83
CA VAL A 37 -6.60 -7.89 1.75
C VAL A 37 -6.61 -6.40 2.11
N LEU A 38 -5.45 -5.74 2.12
CA LEU A 38 -5.41 -4.32 2.49
C LEU A 38 -5.81 -3.38 1.35
N ALA A 39 -5.66 -3.85 0.12
CA ALA A 39 -6.01 -3.06 -1.07
C ALA A 39 -7.44 -3.35 -1.46
N GLU A 40 -8.37 -2.54 -0.95
CA GLU A 40 -9.78 -2.86 -1.09
C GLU A 40 -10.31 -2.65 -2.50
N ASP A 41 -9.48 -2.09 -3.37
CA ASP A 41 -9.79 -1.93 -4.78
C ASP A 41 -9.30 -3.13 -5.62
N SER A 42 -8.68 -4.11 -4.97
CA SER A 42 -8.01 -5.21 -5.69
C SER A 42 -8.33 -6.58 -5.11
N SER A 43 -8.77 -7.51 -5.96
CA SER A 43 -9.12 -8.85 -5.49
C SER A 43 -8.20 -9.95 -6.04
N SER A 44 -7.15 -9.56 -6.76
CA SER A 44 -6.14 -10.51 -7.25
C SER A 44 -4.81 -9.80 -7.45
N GLN A 45 -3.71 -10.56 -7.51
CA GLN A 45 -2.40 -9.95 -7.74
C GLN A 45 -2.33 -9.31 -9.12
N ASP A 46 -3.05 -9.88 -10.09
CA ASP A 46 -3.08 -9.27 -11.42
C ASP A 46 -3.75 -7.91 -11.32
N GLU A 47 -4.85 -7.83 -10.59
CA GLU A 47 -5.54 -6.55 -10.45
C GLU A 47 -4.67 -5.57 -9.65
N VAL A 48 -3.94 -6.06 -8.65
CA VAL A 48 -3.02 -5.20 -7.91
C VAL A 48 -2.04 -4.56 -8.87
N HIS A 49 -1.47 -5.37 -9.77
CA HIS A 49 -0.50 -4.82 -10.73
C HIS A 49 -1.12 -3.71 -11.60
N ASP A 50 -2.38 -3.92 -12.00
CA ASP A 50 -3.04 -2.95 -12.86
C ASP A 50 -3.36 -1.65 -12.12
N LYS A 51 -3.71 -1.74 -10.84
CA LYS A 51 -3.96 -0.54 -10.04
C LYS A 51 -2.65 0.20 -9.77
N LEU A 52 -1.59 -0.53 -9.46
CA LEU A 52 -0.27 0.11 -9.28
C LEU A 52 0.18 0.80 -10.56
N SER A 53 -0.18 0.22 -11.71
CA SER A 53 0.14 0.81 -13.01
C SER A 53 -0.54 2.18 -13.19
N LEU A 54 -1.77 2.30 -12.69
CA LEU A 54 -2.47 3.59 -12.68
C LEU A 54 -1.77 4.58 -11.75
N TRP A 55 -1.44 4.13 -10.53
CA TRP A 55 -0.73 4.99 -9.59
C TRP A 55 0.60 5.49 -10.12
N SER A 56 1.25 4.68 -10.95
CA SER A 56 2.53 5.03 -11.57
C SER A 56 2.56 6.32 -12.38
N GLY A 57 1.39 6.87 -12.69
CA GLY A 57 1.34 8.20 -13.27
C GLY A 57 1.99 9.25 -12.38
N LEU A 58 2.02 8.99 -11.07
CA LEU A 58 2.68 9.90 -10.14
C LEU A 58 4.21 9.87 -10.21
N ARG A 59 4.78 9.02 -11.08
CA ARG A 59 6.25 9.07 -11.29
C ARG A 59 6.64 10.45 -11.84
N ASN A 60 5.71 11.09 -12.54
CA ASN A 60 5.94 12.43 -13.09
C ASN A 60 5.84 13.54 -12.04
N ALA A 61 5.65 13.16 -10.78
CA ALA A 61 5.65 14.12 -9.68
C ALA A 61 6.57 13.55 -8.58
N PRO A 62 7.90 13.72 -8.73
CA PRO A 62 8.86 12.97 -7.92
C PRO A 62 8.74 13.18 -6.42
N ARG A 63 8.38 14.38 -5.97
CA ARG A 63 8.28 14.62 -4.54
C ARG A 63 7.16 13.78 -3.95
N CYS A 64 6.05 13.66 -4.68
CA CYS A 64 4.98 12.76 -4.28
C CYS A 64 5.42 11.30 -4.44
N TRP A 65 6.03 10.97 -5.58
CA TRP A 65 6.41 9.59 -5.83
C TRP A 65 7.31 9.04 -4.73
N ASP A 66 8.26 9.87 -4.26
CA ASP A 66 9.19 9.43 -3.22
C ASP A 66 8.47 9.15 -1.89
N ALA A 67 7.43 9.92 -1.61
CA ALA A 67 6.64 9.73 -0.39
C ALA A 67 5.63 8.58 -0.51
N ILE A 68 4.97 8.48 -1.66
CA ILE A 68 3.84 7.56 -1.77
C ILE A 68 4.26 6.10 -2.10
N ARG A 69 5.44 5.90 -2.68
CA ARG A 69 5.88 4.54 -3.03
C ARG A 69 5.86 3.59 -1.83
N PRO A 70 6.46 3.97 -0.69
CA PRO A 70 6.39 3.00 0.42
C PRO A 70 4.99 2.76 0.96
N LEU A 71 4.12 3.77 0.86
CA LEU A 71 2.73 3.60 1.27
C LEU A 71 2.01 2.61 0.36
N LEU A 72 2.11 2.81 -0.96
CA LEU A 72 1.45 1.91 -1.89
C LEU A 72 1.96 0.48 -1.75
N CYS A 73 3.25 0.32 -1.51
CA CYS A 73 3.79 -1.02 -1.45
C CYS A 73 3.35 -1.71 -0.16
N ALA A 74 3.28 -0.96 0.93
CA ALA A 74 2.78 -1.50 2.19
C ALA A 74 1.31 -1.91 2.14
N VAL A 75 0.53 -1.27 1.28
CA VAL A 75 -0.89 -1.55 1.19
C VAL A 75 -1.20 -2.59 0.11
N TYR A 76 -0.55 -2.45 -1.05
CA TYR A 76 -0.89 -3.29 -2.19
C TYR A 76 -0.11 -4.61 -2.22
N MET A 77 1.14 -4.58 -1.74
CA MET A 77 1.99 -5.78 -1.76
C MET A 77 2.65 -6.05 -0.40
N PRO A 78 1.83 -6.17 0.66
CA PRO A 78 2.38 -6.36 2.00
C PRO A 78 3.00 -7.74 2.21
N LYS A 79 3.92 -7.82 3.17
CA LYS A 79 4.41 -9.12 3.62
C LYS A 79 3.34 -9.86 4.38
N CYS A 80 3.13 -11.11 3.99
CA CYS A 80 2.21 -12.00 4.68
C CYS A 80 2.99 -13.18 5.23
N GLU A 81 2.76 -13.52 6.49
CA GLU A 81 3.53 -14.57 7.16
C GLU A 81 2.69 -15.19 8.27
N GLY A 82 2.61 -16.52 8.28
CA GLY A 82 1.81 -17.21 9.27
C GLY A 82 0.35 -16.79 9.28
N GLY A 83 -0.20 -16.54 8.09
CA GLY A 83 -1.59 -16.17 7.97
C GLY A 83 -1.94 -14.78 8.48
N LYS A 84 -0.97 -13.89 8.52
CA LYS A 84 -1.20 -12.52 8.97
C LYS A 84 -0.40 -11.49 8.18
N VAL A 85 -1.00 -10.33 7.93
CA VAL A 85 -0.26 -9.18 7.40
C VAL A 85 -0.21 -8.06 8.45
N GLU A 86 0.87 -7.29 8.44
CA GLU A 86 0.95 -6.11 9.31
C GLU A 86 0.35 -4.93 8.59
N LEU A 87 -0.44 -4.14 9.32
CA LEU A 87 -1.04 -2.95 8.76
C LEU A 87 0.04 -1.85 8.67
N PRO A 88 -0.09 -0.96 7.66
CA PRO A 88 0.85 0.16 7.58
C PRO A 88 0.62 1.11 8.74
N SER A 89 1.62 1.91 9.12
CA SER A 89 1.47 2.79 10.27
C SER A 89 0.78 4.13 9.96
N GLN A 90 0.19 4.73 10.98
CA GLN A 90 -0.38 6.06 10.87
C GLN A 90 0.66 7.05 10.35
N GLY A 91 1.88 6.92 10.86
CA GLY A 91 2.97 7.80 10.47
C GLY A 91 3.27 7.74 8.99
N LEU A 92 3.33 6.54 8.44
CA LEU A 92 3.67 6.36 7.03
C LEU A 92 2.61 7.02 6.14
N CYS A 93 1.34 6.82 6.49
CA CYS A 93 0.26 7.46 5.78
C CYS A 93 0.36 9.00 5.84
N GLN A 94 0.62 9.54 7.03
CA GLN A 94 0.63 10.99 7.19
C GLN A 94 1.71 11.67 6.34
N THR A 95 2.84 10.99 6.12
CA THR A 95 3.92 11.55 5.32
C THR A 95 3.51 11.87 3.88
N THR A 96 2.40 11.29 3.42
CA THR A 96 2.01 11.44 2.02
C THR A 96 1.01 12.57 1.79
N ARG A 97 0.41 13.10 2.86
CA ARG A 97 -0.73 14.00 2.67
C ARG A 97 -0.37 15.31 1.99
N VAL A 98 0.78 15.88 2.32
CA VAL A 98 1.16 17.18 1.74
C VAL A 98 1.86 17.06 0.38
N PRO A 99 2.88 16.18 0.25
CA PRO A 99 3.48 16.14 -1.10
C PRO A 99 2.56 15.57 -2.16
N CYS A 100 1.59 14.75 -1.74
CA CYS A 100 0.66 14.14 -2.67
C CYS A 100 -0.74 14.75 -2.60
N ALA A 101 -0.82 16.01 -2.19
CA ALA A 101 -2.08 16.76 -2.17
C ALA A 101 -2.82 16.75 -3.51
N ILE A 102 -2.08 16.61 -4.61
CA ILE A 102 -2.69 16.61 -5.94
C ILE A 102 -3.68 15.44 -6.09
N VAL A 103 -3.40 14.34 -5.38
CA VAL A 103 -4.29 13.18 -5.40
C VAL A 103 -5.68 13.52 -4.87
N ALA A 104 -5.70 14.27 -3.78
CA ALA A 104 -6.97 14.70 -3.17
C ALA A 104 -7.73 15.66 -4.07
N ARG A 105 -7.03 16.53 -4.78
CA ARG A 105 -7.69 17.47 -5.67
C ARG A 105 -8.17 16.85 -6.98
N GLU A 106 -7.40 15.89 -7.51
CA GLU A 106 -7.69 15.28 -8.80
C GLU A 106 -8.87 14.32 -8.74
N ARG A 107 -9.07 13.65 -7.61
CA ARG A 107 -10.08 12.60 -7.54
C ARG A 107 -10.49 12.32 -6.09
N GLY A 108 -9.51 12.30 -5.21
CA GLY A 108 -9.73 11.95 -3.81
C GLY A 108 -9.04 10.65 -3.44
N TRP A 109 -8.53 10.59 -2.22
CA TRP A 109 -7.95 9.34 -1.70
C TRP A 109 -9.04 8.28 -1.51
N PRO A 110 -8.78 7.04 -1.96
CA PRO A 110 -9.73 5.99 -1.62
C PRO A 110 -9.79 5.81 -0.10
N ASP A 111 -10.89 5.26 0.44
CA ASP A 111 -11.00 5.22 1.89
C ASP A 111 -9.89 4.40 2.56
N PHE A 112 -9.43 3.33 1.90
CA PHE A 112 -8.38 2.49 2.47
C PHE A 112 -6.98 3.14 2.39
N LEU A 113 -6.92 4.36 1.84
CA LEU A 113 -5.69 5.15 1.80
C LEU A 113 -5.90 6.53 2.44
N LYS A 114 -6.91 6.63 3.29
CA LYS A 114 -7.07 7.80 4.17
C LYS A 114 -6.54 7.43 5.55
N CYS A 115 -5.94 8.38 6.25
CA CYS A 115 -5.18 8.08 7.46
C CYS A 115 -6.03 7.94 8.71
N THR A 116 -7.16 7.24 8.59
CA THR A 116 -7.93 6.84 9.75
C THR A 116 -7.22 5.66 10.41
N THR A 117 -7.37 5.52 11.73
CA THR A 117 -6.56 4.55 12.47
C THR A 117 -7.05 3.11 12.37
N ASP A 118 -8.21 2.89 11.74
CA ASP A 118 -8.64 1.53 11.48
C ASP A 118 -7.81 0.93 10.34
N TYR A 119 -7.40 1.77 9.39
CA TYR A 119 -6.55 1.33 8.29
C TYR A 119 -5.06 1.55 8.58
N PHE A 120 -4.77 2.58 9.37
CA PHE A 120 -3.40 2.98 9.66
C PHE A 120 -3.24 3.25 11.16
N PRO A 121 -3.12 2.17 11.96
CA PRO A 121 -3.09 2.28 13.42
C PRO A 121 -1.83 2.92 13.97
N GLU A 122 -1.93 3.39 15.21
CA GLU A 122 -0.82 4.00 15.92
C GLU A 122 -0.18 3.04 16.91
N GLY A 123 1.12 3.23 17.14
CA GLY A 123 1.82 2.56 18.22
C GLY A 123 2.16 1.09 18.03
N CYS A 124 2.10 0.61 16.78
CA CYS A 124 2.50 -0.75 16.46
C CYS A 124 4.00 -0.81 16.18
N PRO A 125 4.65 -1.94 16.54
CA PRO A 125 6.05 -2.15 16.18
C PRO A 125 6.26 -2.25 14.67
C1 HCD B . -5.58 4.44 -8.70
O1 HCD B . -8.25 2.50 -6.85
C2 HCD B . -6.58 3.31 -8.43
O2 HCD B . -3.44 11.75 -12.32
C3 HCD B . -7.34 3.59 -7.13
C4 HCD B . -8.13 4.88 -7.27
C5 HCD B . -7.20 5.99 -7.67
C6 HCD B . -7.26 7.15 -6.96
C7 HCD B . -6.43 8.38 -7.30
C8 HCD B . -5.92 8.28 -8.72
C9 HCD B . -5.26 6.92 -8.89
C10 HCD B . -6.27 5.79 -8.83
C11 HCD B . -4.42 6.83 -10.17
C12 HCD B . -3.41 7.98 -10.31
C13 HCD B . -4.13 9.33 -10.27
C14 HCD B . -4.89 9.39 -8.94
C15 HCD B . -5.39 10.83 -8.83
C16 HCD B . -4.27 11.62 -9.51
C17 HCD B . -3.30 10.61 -10.13
C18 HCD B . -5.10 9.45 -11.44
C19 HCD B . -7.13 5.80 -10.10
C20 HCD B . -2.54 11.19 -11.35
C21 HCD B . -1.63 10.18 -12.05
C22 HCD B . -1.65 12.32 -10.86
C23 HCD B . -0.84 12.94 -11.99
C24 HCD B . -0.22 14.26 -11.54
C25 HCD B . 0.58 14.88 -12.67
C26 HCD B . 1.84 14.07 -12.95
C27 HCD B . 0.92 16.33 -12.36
#